data_2IDH
#
_entry.id   2IDH
#
_cell.length_a   75.610
_cell.length_b   75.610
_cell.length_c   226.489
_cell.angle_alpha   90.00
_cell.angle_beta   90.00
_cell.angle_gamma   120.00
#
_symmetry.space_group_name_H-M   'P 63 2 2'
#
loop_
_entity.id
_entity.type
_entity.pdbx_description
1 polymer 'Amyloid beta A4 protein-binding family B member 1'
2 non-polymer 'SULFATE ION'
3 non-polymer 'TETRAETHYLENE GLYCOL'
4 water water
#
_entity_poly.entity_id   1
_entity_poly.type   'polypeptide(L)'
_entity_poly.pdbx_seq_one_letter_code
;GSDLPAGWMRVQDTSGTYYWHIPTGTTQWEPPGRASPS
;
_entity_poly.pdbx_strand_id   A,B,C,D,E,F,G,H
#
# COMPACT_ATOMS: atom_id res chain seq x y z
N ASP A 3 -10.05 -13.41 11.21
CA ASP A 3 -10.97 -12.22 11.21
C ASP A 3 -10.16 -10.95 10.83
N LEU A 4 -10.02 -10.78 9.51
CA LEU A 4 -9.24 -9.67 8.94
C LEU A 4 -10.04 -8.39 9.09
N PRO A 5 -9.35 -7.26 9.29
CA PRO A 5 -10.08 -6.02 9.21
C PRO A 5 -10.61 -5.77 7.76
N ALA A 6 -11.55 -4.84 7.67
CA ALA A 6 -12.17 -4.43 6.39
C ALA A 6 -11.11 -4.08 5.33
N GLY A 7 -11.28 -4.68 4.17
CA GLY A 7 -10.47 -4.35 3.01
C GLY A 7 -9.18 -5.10 2.90
N TRP A 8 -8.92 -6.03 3.82
CA TRP A 8 -7.71 -6.80 3.80
C TRP A 8 -8.01 -8.22 3.34
N MET A 9 -7.06 -8.81 2.61
CA MET A 9 -7.14 -10.21 2.22
C MET A 9 -5.96 -11.00 2.73
N ARG A 10 -6.13 -12.30 3.02
CA ARG A 10 -5.01 -13.19 3.24
C ARG A 10 -4.72 -13.87 1.93
N VAL A 11 -3.45 -13.88 1.53
CA VAL A 11 -3.00 -14.37 0.24
C VAL A 11 -2.08 -15.54 0.46
N GLN A 12 -2.21 -16.60 -0.35
CA GLN A 12 -1.22 -17.65 -0.35
C GLN A 12 -0.84 -17.97 -1.77
N ASP A 13 0.43 -18.29 -1.95
CA ASP A 13 0.95 -18.66 -3.24
C ASP A 13 2.20 -19.45 -2.97
N THR A 14 2.93 -19.89 -3.96
CA THR A 14 4.14 -20.66 -3.69
C THR A 14 5.10 -20.04 -2.66
N SER A 15 5.04 -18.72 -2.48
CA SER A 15 6.03 -18.02 -1.74
C SER A 15 5.68 -18.04 -0.28
N GLY A 16 4.41 -18.29 0.06
CA GLY A 16 4.02 -18.24 1.44
C GLY A 16 2.63 -17.72 1.66
N THR A 17 2.37 -17.32 2.89
CA THR A 17 1.10 -16.76 3.28
C THR A 17 1.41 -15.37 3.77
N TYR A 18 0.78 -14.37 3.17
CA TYR A 18 1.01 -13.00 3.57
C TYR A 18 -0.30 -12.29 3.41
N TYR A 19 -0.33 -11.00 3.65
CA TYR A 19 -1.55 -10.20 3.77
C TYR A 19 -1.52 -8.95 2.89
N TRP A 20 -2.69 -8.58 2.39
CA TRP A 20 -2.84 -7.58 1.30
C TRP A 20 -3.99 -6.63 1.57
N HIS A 21 -3.65 -5.34 1.60
CA HIS A 21 -4.60 -4.32 1.80
C HIS A 21 -5.04 -3.73 0.47
N ILE A 22 -6.28 -4.00 0.07
CA ILE A 22 -6.72 -3.75 -1.30
C ILE A 22 -6.66 -2.27 -1.77
N PRO A 23 -7.12 -1.30 -0.95
CA PRO A 23 -7.08 0.10 -1.32
C PRO A 23 -5.69 0.64 -1.53
N THR A 24 -4.72 0.26 -0.68
CA THR A 24 -3.38 0.84 -0.71
C THR A 24 -2.30 -0.01 -1.40
N GLY A 25 -2.59 -1.27 -1.69
CA GLY A 25 -1.57 -2.21 -2.14
C GLY A 25 -0.60 -2.64 -1.04
N THR A 26 -0.81 -2.25 0.20
CA THR A 26 0.08 -2.67 1.28
C THR A 26 0.15 -4.22 1.45
N THR A 27 1.36 -4.76 1.47
CA THR A 27 1.51 -6.17 1.53
C THR A 27 2.61 -6.45 2.56
N GLN A 28 2.29 -7.41 3.45
CA GLN A 28 3.08 -7.69 4.62
C GLN A 28 2.79 -9.09 5.21
N TRP A 29 3.75 -9.58 5.98
CA TRP A 29 3.70 -10.91 6.56
C TRP A 29 2.77 -10.98 7.72
N GLU A 30 2.71 -9.87 8.46
CA GLU A 30 2.08 -9.86 9.75
C GLU A 30 0.61 -9.71 9.55
N PRO A 31 -0.17 -10.54 10.20
CA PRO A 31 -1.57 -10.28 10.18
C PRO A 31 -1.83 -8.84 10.56
N PRO A 32 -2.80 -8.19 9.89
CA PRO A 32 -3.19 -6.84 10.25
C PRO A 32 -4.16 -6.78 11.44
N ASP B 3 0.87 -27.81 -4.08
CA ASP B 3 -0.35 -27.74 -4.95
C ASP B 3 -0.38 -26.44 -5.80
N LEU B 4 -0.81 -25.29 -5.24
CA LEU B 4 -1.14 -24.08 -6.04
C LEU B 4 0.00 -23.59 -6.93
N PRO B 5 -0.09 -23.80 -8.24
CA PRO B 5 1.15 -23.46 -8.98
C PRO B 5 1.43 -21.95 -9.09
N ALA B 6 2.67 -21.62 -9.44
CA ALA B 6 3.10 -20.21 -9.57
C ALA B 6 2.28 -19.65 -10.75
N GLY B 7 1.82 -18.41 -10.58
CA GLY B 7 0.93 -17.74 -11.50
C GLY B 7 -0.50 -17.74 -10.98
N TRP B 8 -0.75 -18.56 -9.94
CA TRP B 8 -2.05 -18.60 -9.26
C TRP B 8 -1.85 -18.10 -7.88
N MET B 9 -2.92 -17.59 -7.31
CA MET B 9 -2.89 -17.06 -5.97
C MET B 9 -4.19 -17.49 -5.35
N ARG B 10 -4.16 -17.85 -4.06
CA ARG B 10 -5.38 -18.08 -3.28
C ARG B 10 -5.60 -16.97 -2.27
N VAL B 11 -6.82 -16.39 -2.28
CA VAL B 11 -7.16 -15.26 -1.45
C VAL B 11 -8.37 -15.52 -0.57
N GLN B 12 -8.31 -15.04 0.67
CA GLN B 12 -9.41 -15.22 1.61
C GLN B 12 -9.75 -13.90 2.28
N ASP B 13 -11.04 -13.62 2.24
CA ASP B 13 -11.67 -12.60 3.06
C ASP B 13 -12.39 -13.49 4.13
N THR B 14 -13.18 -12.86 4.98
CA THR B 14 -14.59 -13.29 5.23
C THR B 14 -15.80 -13.30 4.30
N SER B 15 -15.56 -13.33 3.00
CA SER B 15 -16.54 -13.89 2.08
C SER B 15 -16.02 -15.15 1.38
N GLY B 16 -14.89 -15.63 1.85
CA GLY B 16 -14.50 -16.98 1.48
C GLY B 16 -13.23 -16.94 0.70
N THR B 17 -13.04 -17.95 -0.13
CA THR B 17 -11.73 -18.25 -0.65
C THR B 17 -11.91 -18.40 -2.14
N TYR B 18 -11.11 -17.66 -2.91
CA TYR B 18 -11.10 -17.89 -4.34
C TYR B 18 -9.72 -17.89 -4.90
N TYR B 19 -9.63 -18.27 -6.16
CA TYR B 19 -8.40 -18.39 -6.87
C TYR B 19 -8.36 -17.32 -7.95
N TRP B 20 -7.16 -16.76 -8.12
CA TRP B 20 -6.85 -15.59 -8.98
C TRP B 20 -5.68 -16.02 -9.84
N HIS B 21 -5.92 -16.10 -11.16
CA HIS B 21 -4.91 -16.37 -12.14
C HIS B 21 -4.29 -15.05 -12.56
N ILE B 22 -3.02 -14.90 -12.22
CA ILE B 22 -2.35 -13.62 -12.35
C ILE B 22 -2.24 -13.16 -13.83
N PRO B 23 -1.79 -14.02 -14.73
CA PRO B 23 -1.71 -13.53 -16.09
C PRO B 23 -2.99 -13.06 -16.76
N THR B 24 -4.11 -13.71 -16.49
CA THR B 24 -5.37 -13.30 -17.14
C THR B 24 -6.22 -12.41 -16.28
N GLY B 25 -5.94 -12.39 -14.98
CA GLY B 25 -6.74 -11.63 -14.05
C GLY B 25 -8.04 -12.36 -13.77
N THR B 26 -8.13 -13.62 -14.14
CA THR B 26 -9.37 -14.39 -13.94
C THR B 26 -9.39 -14.95 -12.55
N THR B 27 -10.57 -14.89 -11.94
CA THR B 27 -10.80 -15.33 -10.62
C THR B 27 -11.92 -16.35 -10.64
N GLN B 28 -11.89 -17.27 -9.65
CA GLN B 28 -12.81 -18.42 -9.60
C GLN B 28 -12.78 -19.12 -8.22
N TRP B 29 -13.94 -19.61 -7.78
CA TRP B 29 -14.09 -20.29 -6.49
C TRP B 29 -13.43 -21.65 -6.42
N GLU B 30 -13.42 -22.34 -7.53
CA GLU B 30 -12.84 -23.68 -7.61
C GLU B 30 -11.32 -23.53 -7.72
N PRO B 31 -10.58 -24.37 -6.99
CA PRO B 31 -9.12 -24.40 -7.21
C PRO B 31 -8.72 -24.68 -8.68
N PRO B 32 -7.58 -24.18 -9.13
CA PRO B 32 -7.17 -24.50 -10.50
C PRO B 32 -7.05 -26.00 -10.75
N GLY B 33 -7.31 -26.40 -11.99
CA GLY B 33 -7.47 -27.83 -12.36
C GLY B 33 -6.26 -28.41 -13.06
N ASP C 3 -24.40 11.60 4.25
CA ASP C 3 -25.06 10.47 3.55
C ASP C 3 -24.03 9.34 3.50
N LEU C 4 -23.84 8.73 2.32
CA LEU C 4 -22.47 8.36 1.95
C LEU C 4 -21.95 9.57 1.15
N PRO C 5 -21.21 10.46 1.82
CA PRO C 5 -20.72 11.63 1.11
C PRO C 5 -19.78 11.25 -0.04
N ALA C 6 -19.68 12.12 -1.03
CA ALA C 6 -18.70 11.96 -2.08
C ALA C 6 -17.32 11.84 -1.39
N GLY C 7 -16.54 10.90 -1.91
CA GLY C 7 -15.19 10.58 -1.43
C GLY C 7 -15.22 9.31 -0.63
N TRP C 8 -16.44 8.81 -0.40
CA TRP C 8 -16.65 7.50 0.20
C TRP C 8 -17.42 6.59 -0.73
N MET C 9 -17.08 5.31 -0.62
CA MET C 9 -17.75 4.24 -1.33
C MET C 9 -18.15 3.13 -0.39
N ARG C 10 -19.33 2.55 -0.61
CA ARG C 10 -19.73 1.29 0.05
CA ARG C 10 -19.69 1.28 0.06
C ARG C 10 -19.40 0.12 -0.87
N VAL C 11 -18.71 -0.87 -0.35
CA VAL C 11 -18.29 -1.99 -1.13
C VAL C 11 -18.92 -3.23 -0.51
N GLN C 12 -19.59 -4.02 -1.34
CA GLN C 12 -20.27 -5.23 -0.91
C GLN C 12 -19.75 -6.43 -1.71
N ASP C 13 -19.44 -7.50 -0.99
CA ASP C 13 -19.26 -8.83 -1.59
C ASP C 13 -20.36 -9.78 -1.06
N THR C 14 -20.20 -11.08 -1.33
CA THR C 14 -21.21 -12.07 -0.97
C THR C 14 -21.64 -12.04 0.51
N SER C 15 -20.88 -11.36 1.37
CA SER C 15 -21.28 -11.25 2.79
C SER C 15 -20.99 -9.90 3.40
N GLY C 16 -19.74 -9.45 3.21
CA GLY C 16 -19.30 -8.17 3.84
C GLY C 16 -19.78 -6.92 3.10
N THR C 17 -20.17 -5.93 3.90
CA THR C 17 -20.26 -4.57 3.48
C THR C 17 -19.21 -3.78 4.24
N TYR C 18 -18.34 -3.06 3.51
CA TYR C 18 -17.40 -2.14 4.14
C TYR C 18 -17.38 -0.80 3.46
N TYR C 19 -16.75 0.15 4.13
CA TYR C 19 -16.71 1.53 3.69
C TYR C 19 -15.27 1.94 3.45
N TRP C 20 -15.05 2.58 2.32
CA TRP C 20 -13.73 2.83 1.76
C TRP C 20 -13.69 4.32 1.60
N HIS C 21 -12.72 4.96 2.26
CA HIS C 21 -12.50 6.41 2.13
C HIS C 21 -11.42 6.63 1.06
N ILE C 22 -11.76 7.27 -0.04
CA ILE C 22 -10.89 7.30 -1.18
C ILE C 22 -9.57 8.10 -0.96
N PRO C 23 -9.63 9.33 -0.41
CA PRO C 23 -8.39 10.10 -0.20
C PRO C 23 -7.35 9.41 0.68
N THR C 24 -7.76 8.77 1.76
CA THR C 24 -6.82 8.10 2.59
C THR C 24 -6.58 6.63 2.18
N GLY C 25 -7.44 6.03 1.35
CA GLY C 25 -7.37 4.58 1.18
C GLY C 25 -7.65 3.79 2.47
N THR C 26 -8.35 4.37 3.44
CA THR C 26 -8.70 3.60 4.63
C THR C 26 -10.09 2.89 4.48
N THR C 27 -10.21 1.73 5.10
CA THR C 27 -11.43 0.90 5.00
C THR C 27 -11.96 0.57 6.38
N GLN C 28 -13.28 0.61 6.56
CA GLN C 28 -13.89 0.34 7.89
C GLN C 28 -15.27 -0.31 7.75
N TRP C 29 -15.64 -1.13 8.73
CA TRP C 29 -16.97 -1.80 8.76
C TRP C 29 -18.15 -0.82 8.88
N GLU C 30 -17.99 0.22 9.68
CA GLU C 30 -19.08 1.13 10.03
C GLU C 30 -19.25 2.20 8.99
N PRO C 31 -20.50 2.65 8.75
CA PRO C 31 -20.68 3.77 7.84
C PRO C 31 -20.01 5.04 8.36
N PRO C 32 -19.59 5.92 7.47
CA PRO C 32 -19.15 7.17 8.03
C PRO C 32 -20.29 7.78 8.84
N GLY D 1 -26.60 -19.70 -3.92
CA GLY D 1 -25.35 -18.88 -4.02
C GLY D 1 -25.65 -17.40 -4.04
N SER D 2 -24.69 -16.60 -4.56
CA SER D 2 -24.88 -15.13 -4.79
C SER D 2 -24.56 -14.83 -6.22
N ASP D 3 -25.05 -13.70 -6.68
CA ASP D 3 -24.89 -13.31 -8.05
C ASP D 3 -23.61 -12.52 -8.30
N LEU D 4 -22.79 -12.34 -7.25
CA LEU D 4 -21.41 -11.87 -7.45
C LEU D 4 -20.45 -13.03 -7.60
N PRO D 5 -19.91 -13.18 -8.80
CA PRO D 5 -18.84 -14.16 -8.90
C PRO D 5 -17.61 -13.73 -8.10
N ALA D 6 -16.71 -14.69 -7.88
CA ALA D 6 -15.42 -14.44 -7.25
C ALA D 6 -14.68 -13.27 -7.90
N GLY D 7 -14.22 -12.37 -7.04
CA GLY D 7 -13.42 -11.22 -7.46
C GLY D 7 -14.23 -9.96 -7.67
N TRP D 8 -15.55 -10.07 -7.67
CA TRP D 8 -16.43 -8.92 -8.03
C TRP D 8 -17.04 -8.31 -6.80
N MET D 9 -17.18 -6.98 -6.83
CA MET D 9 -17.81 -6.25 -5.75
C MET D 9 -18.91 -5.41 -6.31
N ARG D 10 -19.90 -5.18 -5.46
CA ARG D 10 -20.94 -4.23 -5.73
C ARG D 10 -20.53 -2.96 -5.00
N VAL D 11 -20.48 -1.88 -5.76
CA VAL D 11 -20.00 -0.60 -5.26
C VAL D 11 -21.11 0.40 -5.31
N GLN D 12 -21.30 1.10 -4.19
CA GLN D 12 -22.18 2.24 -4.16
C GLN D 12 -21.52 3.53 -3.70
N ASP D 13 -21.86 4.59 -4.41
CA ASP D 13 -21.46 5.92 -4.03
C ASP D 13 -22.51 6.92 -4.49
N THR D 14 -22.24 8.21 -4.41
CA THR D 14 -23.17 9.20 -4.88
C THR D 14 -23.63 8.99 -6.32
N SER D 15 -22.83 8.30 -7.13
CA SER D 15 -23.15 8.24 -8.58
C SER D 15 -24.09 7.12 -8.88
N GLY D 16 -24.19 6.17 -7.99
CA GLY D 16 -25.10 5.06 -8.15
C GLY D 16 -24.51 3.79 -7.61
N THR D 17 -25.02 2.69 -8.14
CA THR D 17 -24.62 1.36 -7.73
C THR D 17 -24.09 0.69 -8.96
N TYR D 18 -22.90 0.13 -8.88
CA TYR D 18 -22.26 -0.45 -10.07
C TYR D 18 -21.35 -1.58 -9.58
N TYR D 19 -20.66 -2.20 -10.52
CA TYR D 19 -19.88 -3.41 -10.27
C TYR D 19 -18.43 -3.28 -10.68
N TRP D 20 -17.55 -3.86 -9.85
CA TRP D 20 -16.09 -3.71 -9.98
C TRP D 20 -15.42 -5.08 -9.81
N HIS D 21 -14.62 -5.46 -10.79
CA HIS D 21 -13.83 -6.67 -10.72
C HIS D 21 -12.42 -6.30 -10.24
N ILE D 22 -12.06 -6.71 -9.05
CA ILE D 22 -10.83 -6.25 -8.43
C ILE D 22 -9.55 -6.52 -9.25
N PRO D 23 -9.38 -7.75 -9.75
CA PRO D 23 -8.14 -8.04 -10.46
C PRO D 23 -7.91 -7.16 -11.69
N THR D 24 -8.96 -6.88 -12.46
CA THR D 24 -8.78 -6.25 -13.78
C THR D 24 -9.13 -4.77 -13.72
N GLY D 25 -9.78 -4.35 -12.63
CA GLY D 25 -10.23 -2.98 -12.53
C GLY D 25 -11.45 -2.73 -13.41
N THR D 26 -11.99 -3.79 -14.03
CA THR D 26 -13.27 -3.72 -14.76
C THR D 26 -14.47 -3.20 -13.90
N THR D 27 -15.15 -2.18 -14.43
CA THR D 27 -16.19 -1.47 -13.69
C THR D 27 -17.36 -1.33 -14.63
N GLN D 28 -18.52 -1.84 -14.22
CA GLN D 28 -19.71 -1.88 -15.08
C GLN D 28 -21.02 -1.90 -14.28
N TRP D 29 -22.13 -1.59 -14.97
CA TRP D 29 -23.45 -1.39 -14.34
C TRP D 29 -24.23 -2.66 -14.04
N GLU D 30 -24.15 -3.69 -14.88
CA GLU D 30 -25.01 -4.85 -14.59
C GLU D 30 -24.30 -5.83 -13.77
N PRO D 31 -25.06 -6.54 -12.97
CA PRO D 31 -24.51 -7.64 -12.25
C PRO D 31 -23.75 -8.53 -13.23
N PRO D 32 -22.50 -8.88 -12.89
CA PRO D 32 -21.63 -9.66 -13.75
C PRO D 32 -22.05 -11.11 -13.82
N GLY D 33 -22.97 -11.50 -12.98
CA GLY D 33 -23.51 -12.84 -13.05
C GLY D 33 -24.93 -12.89 -13.59
N ARG D 34 -25.27 -12.10 -14.61
CA ARG D 34 -26.66 -11.98 -15.07
C ARG D 34 -27.48 -11.02 -14.18
N ASP E 3 15.29 -25.40 -4.76
CA ASP E 3 13.92 -25.24 -4.18
C ASP E 3 13.72 -23.93 -3.41
N LEU E 4 14.44 -22.87 -3.79
CA LEU E 4 13.95 -21.51 -3.51
C LEU E 4 12.58 -21.37 -4.21
N PRO E 5 11.49 -21.22 -3.45
CA PRO E 5 10.22 -21.15 -4.17
C PRO E 5 9.98 -19.82 -4.95
N ALA E 6 9.11 -19.91 -5.97
CA ALA E 6 8.81 -18.82 -6.87
C ALA E 6 8.18 -17.78 -6.00
N GLY E 7 8.57 -16.53 -6.24
CA GLY E 7 8.22 -15.38 -5.40
C GLY E 7 9.32 -14.94 -4.48
N TRP E 8 10.42 -15.74 -4.45
CA TRP E 8 11.58 -15.49 -3.64
C TRP E 8 12.75 -15.41 -4.61
N MET E 9 13.71 -14.56 -4.28
CA MET E 9 14.97 -14.59 -4.96
C MET E 9 16.10 -14.70 -3.94
N ARG E 10 17.14 -15.41 -4.35
CA ARG E 10 18.40 -15.42 -3.63
C ARG E 10 19.31 -14.42 -4.31
N VAL E 11 19.70 -13.36 -3.63
CA VAL E 11 20.58 -12.39 -4.24
C VAL E 11 21.94 -12.40 -3.58
N GLN E 12 22.99 -12.21 -4.38
CA GLN E 12 24.31 -12.10 -3.84
C GLN E 12 25.00 -10.84 -4.35
N ASP E 13 25.54 -10.09 -3.40
CA ASP E 13 26.48 -9.03 -3.71
C ASP E 13 27.57 -9.02 -2.62
N THR E 14 28.34 -7.95 -2.61
CA THR E 14 29.48 -7.87 -1.72
C THR E 14 29.04 -7.93 -0.25
N SER E 15 27.77 -7.57 0.02
CA SER E 15 27.20 -7.65 1.40
C SER E 15 27.10 -9.11 1.85
N GLY E 16 26.99 -9.99 0.87
CA GLY E 16 26.80 -11.40 1.12
C GLY E 16 25.64 -11.88 0.30
N THR E 17 24.85 -12.74 0.92
CA THR E 17 23.81 -13.48 0.25
C THR E 17 22.59 -13.38 1.11
N TYR E 18 21.48 -12.95 0.51
CA TYR E 18 20.24 -12.91 1.23
C TYR E 18 19.08 -13.25 0.31
N TYR E 19 17.90 -13.15 0.91
CA TYR E 19 16.66 -13.69 0.38
C TYR E 19 15.69 -12.53 0.33
N TRP E 20 15.11 -12.37 -0.87
CA TRP E 20 14.18 -11.28 -1.19
C TRP E 20 12.85 -11.94 -1.55
N HIS E 21 11.83 -11.60 -0.77
CA HIS E 21 10.46 -11.94 -1.08
C HIS E 21 9.80 -10.87 -1.96
N ILE E 22 9.49 -11.24 -3.19
CA ILE E 22 8.96 -10.27 -4.14
C ILE E 22 7.69 -9.51 -3.66
N PRO E 23 6.60 -10.22 -3.25
CA PRO E 23 5.35 -9.58 -2.94
C PRO E 23 5.42 -8.53 -1.89
N THR E 24 6.15 -8.75 -0.81
CA THR E 24 6.21 -7.81 0.27
C THR E 24 7.44 -6.90 0.14
N GLY E 25 8.39 -7.26 -0.72
CA GLY E 25 9.67 -6.58 -0.74
C GLY E 25 10.64 -6.88 0.42
N THR E 26 10.33 -7.80 1.31
CA THR E 26 11.15 -7.94 2.48
C THR E 26 12.41 -8.75 2.15
N THR E 27 13.46 -8.45 2.90
CA THR E 27 14.71 -9.10 2.75
C THR E 27 15.13 -9.63 4.14
N GLN E 28 15.92 -10.71 4.08
CA GLN E 28 16.35 -11.47 5.26
C GLN E 28 17.58 -12.32 4.93
N TRP E 29 18.48 -12.47 5.90
CA TRP E 29 19.73 -13.23 5.69
C TRP E 29 19.47 -14.73 5.57
N GLU E 30 18.42 -15.18 6.22
CA GLU E 30 18.09 -16.59 6.31
C GLU E 30 17.22 -17.06 5.12
N PRO E 31 17.46 -18.30 4.64
CA PRO E 31 16.58 -18.90 3.66
C PRO E 31 15.17 -18.94 4.16
N PRO E 32 14.18 -18.85 3.27
CA PRO E 32 12.79 -18.98 3.69
C PRO E 32 12.45 -20.43 4.08
N ASP F 3 -0.52 24.46 14.76
CA ASP F 3 -1.05 23.07 14.64
C ASP F 3 -0.02 22.03 14.09
N LEU F 4 0.36 22.23 12.83
CA LEU F 4 0.90 21.09 12.06
C LEU F 4 2.43 21.07 11.91
N PRO F 5 2.98 19.87 11.73
CA PRO F 5 4.41 19.83 11.41
C PRO F 5 4.68 20.41 10.01
N ALA F 6 5.95 20.71 9.73
CA ALA F 6 6.29 21.32 8.48
C ALA F 6 5.84 20.47 7.26
N GLY F 7 5.21 21.14 6.30
CA GLY F 7 4.89 20.59 5.00
C GLY F 7 3.60 19.78 4.99
N TRP F 8 2.86 19.81 6.08
CA TRP F 8 1.55 19.24 6.14
C TRP F 8 0.49 20.28 5.90
N MET F 9 -0.62 19.80 5.37
CA MET F 9 -1.82 20.57 5.16
C MET F 9 -3.00 19.82 5.82
N ARG F 10 -3.96 20.60 6.33
CA ARG F 10 -5.24 20.08 6.78
C ARG F 10 -6.19 20.24 5.60
N VAL F 11 -6.83 19.15 5.21
CA VAL F 11 -7.76 19.16 4.09
C VAL F 11 -9.23 18.83 4.56
N GLN F 12 -10.20 19.57 4.02
CA GLN F 12 -11.59 19.24 4.15
C GLN F 12 -12.31 19.26 2.82
N ASP F 13 -13.13 18.22 2.67
CA ASP F 13 -14.03 18.13 1.56
C ASP F 13 -15.32 17.41 1.99
N THR F 14 -16.22 17.11 1.06
CA THR F 14 -17.48 16.41 1.42
C THR F 14 -17.22 15.20 2.27
N SER F 15 -16.03 14.62 2.18
CA SER F 15 -15.79 13.37 2.84
C SER F 15 -15.40 13.51 4.27
N GLY F 16 -15.02 14.70 4.71
CA GLY F 16 -14.53 14.85 6.09
C GLY F 16 -13.27 15.71 6.14
N THR F 17 -12.48 15.57 7.22
CA THR F 17 -11.26 16.34 7.41
C THR F 17 -10.15 15.39 7.70
N TYR F 18 -9.05 15.61 7.00
CA TYR F 18 -7.91 14.72 7.04
C TYR F 18 -6.65 15.55 6.75
N TYR F 19 -5.49 14.88 6.75
CA TYR F 19 -4.18 15.55 6.67
C TYR F 19 -3.36 14.99 5.50
N TRP F 20 -2.65 15.88 4.85
CA TRP F 20 -1.88 15.56 3.66
C TRP F 20 -0.48 16.18 3.77
N HIS F 21 0.53 15.34 3.57
CA HIS F 21 1.95 15.73 3.55
C HIS F 21 2.36 15.92 2.10
N ILE F 22 2.57 17.17 1.75
CA ILE F 22 2.83 17.56 0.41
C ILE F 22 3.97 16.73 -0.29
N PRO F 23 5.16 16.63 0.30
CA PRO F 23 6.21 15.86 -0.35
C PRO F 23 5.94 14.42 -0.62
N THR F 24 5.45 13.68 0.37
CA THR F 24 5.28 12.28 0.19
C THR F 24 3.87 12.18 -0.37
N GLY F 25 3.30 11.05 -0.63
CA GLY F 25 1.78 11.28 -0.77
C GLY F 25 0.92 11.21 0.51
N THR F 26 1.56 11.17 1.69
CA THR F 26 0.89 10.68 2.89
C THR F 26 -0.38 11.45 3.22
N THR F 27 -1.45 10.67 3.32
CA THR F 27 -2.80 11.16 3.56
C THR F 27 -3.32 10.34 4.73
N GLN F 28 -3.68 11.00 5.83
CA GLN F 28 -4.19 10.32 7.00
C GLN F 28 -5.23 11.08 7.80
N TRP F 29 -6.00 10.31 8.57
CA TRP F 29 -7.10 10.85 9.39
C TRP F 29 -6.59 11.64 10.58
N GLU F 30 -5.60 11.05 11.23
CA GLU F 30 -5.14 11.57 12.49
C GLU F 30 -4.17 12.74 12.26
N PRO F 31 -4.37 13.85 13.00
CA PRO F 31 -3.44 14.99 12.89
C PRO F 31 -2.01 14.51 13.13
N PRO F 32 -1.06 14.88 12.25
CA PRO F 32 0.32 14.46 12.48
C PRO F 32 0.96 15.26 13.66
N ASP G 3 26.69 -1.26 10.57
CA ASP G 3 26.26 -2.64 10.18
C ASP G 3 24.74 -2.75 9.97
N LEU G 4 24.36 -3.38 8.88
CA LEU G 4 23.09 -3.05 8.17
C LEU G 4 22.30 -4.33 7.91
N PRO G 5 20.98 -4.35 8.13
CA PRO G 5 20.20 -5.53 7.71
C PRO G 5 20.26 -5.78 6.18
N ALA G 6 19.88 -7.01 5.78
CA ALA G 6 19.93 -7.44 4.39
C ALA G 6 19.18 -6.46 3.48
N GLY G 7 19.85 -6.04 2.42
CA GLY G 7 19.18 -5.20 1.43
C GLY G 7 19.18 -3.71 1.70
N TRP G 8 19.82 -3.26 2.77
CA TRP G 8 19.82 -1.88 3.13
C TRP G 8 21.18 -1.30 2.79
N MET G 9 21.22 -0.05 2.32
CA MET G 9 22.49 0.62 2.01
CA MET G 9 22.48 0.60 2.05
C MET G 9 22.53 1.96 2.76
N ARG G 10 23.73 2.37 3.17
CA ARG G 10 23.96 3.68 3.64
C ARG G 10 24.43 4.50 2.44
N VAL G 11 23.80 5.65 2.24
CA VAL G 11 24.00 6.45 1.02
C VAL G 11 24.41 7.83 1.47
N GLN G 12 25.26 8.43 0.66
CA GLN G 12 25.74 9.73 0.93
C GLN G 12 25.88 10.54 -0.39
N ASP G 13 25.47 11.79 -0.29
CA ASP G 13 25.47 12.74 -1.39
C ASP G 13 25.56 14.11 -0.73
N THR G 14 25.46 15.20 -1.51
CA THR G 14 25.62 16.55 -0.98
C THR G 14 24.61 16.83 0.19
N SER G 15 23.47 16.18 0.14
CA SER G 15 22.41 16.46 1.07
C SER G 15 22.62 15.92 2.51
N GLY G 16 23.58 15.00 2.69
CA GLY G 16 23.85 14.31 3.95
C GLY G 16 23.95 12.80 3.77
N THR G 17 23.75 12.07 4.88
CA THR G 17 23.87 10.61 4.94
C THR G 17 22.54 10.01 5.35
N TYR G 18 22.05 9.03 4.57
CA TYR G 18 20.72 8.45 4.80
C TYR G 18 20.73 6.98 4.37
N TYR G 19 19.62 6.29 4.44
CA TYR G 19 19.62 4.87 4.24
C TYR G 19 18.55 4.53 3.24
N TRP G 20 18.80 3.41 2.53
CA TRP G 20 18.04 3.04 1.36
C TRP G 20 17.92 1.55 1.29
N HIS G 21 16.67 1.07 1.23
CA HIS G 21 16.33 -0.34 1.10
C HIS G 21 16.09 -0.64 -0.36
N ILE G 22 17.00 -1.41 -0.94
CA ILE G 22 16.94 -1.66 -2.37
C ILE G 22 15.60 -2.20 -2.90
N PRO G 23 15.01 -3.20 -2.24
CA PRO G 23 13.74 -3.76 -2.73
C PRO G 23 12.57 -2.81 -2.79
N THR G 24 12.41 -1.97 -1.78
CA THR G 24 11.21 -1.17 -1.65
C THR G 24 11.41 0.27 -2.11
N GLY G 25 12.66 0.70 -2.21
CA GLY G 25 12.95 2.11 -2.45
C GLY G 25 12.75 2.97 -1.21
N THR G 26 12.52 2.35 -0.06
CA THR G 26 12.42 3.07 1.19
C THR G 26 13.73 3.80 1.50
N THR G 27 13.63 5.12 1.70
CA THR G 27 14.76 5.94 2.04
C THR G 27 14.40 6.70 3.32
N GLN G 28 15.31 6.75 4.27
CA GLN G 28 15.06 7.34 5.58
C GLN G 28 16.35 7.75 6.25
N TRP G 29 16.25 8.72 7.14
CA TRP G 29 17.39 9.15 7.93
C TRP G 29 17.87 8.17 8.97
N GLU G 30 16.96 7.44 9.60
CA GLU G 30 17.34 6.67 10.78
C GLU G 30 18.01 5.36 10.36
N PRO G 31 19.11 4.99 11.01
CA PRO G 31 19.66 3.74 10.67
C PRO G 31 18.64 2.65 10.84
N PRO G 32 18.57 1.71 9.90
CA PRO G 32 17.59 0.62 10.03
C PRO G 32 18.06 -0.45 11.05
N GLY G 33 17.16 -1.18 11.64
CA GLY G 33 15.75 -1.23 11.29
C GLY G 33 15.18 -2.50 11.92
N GLY H 1 22.55 29.22 -0.87
CA GLY H 1 21.30 29.32 -0.08
C GLY H 1 21.54 29.92 1.30
N SER H 2 22.76 29.85 1.81
CA SER H 2 23.97 29.84 0.99
C SER H 2 24.64 28.46 0.92
N ASP H 3 24.67 27.79 2.08
CA ASP H 3 24.84 26.30 2.11
C ASP H 3 23.43 25.83 2.42
N LEU H 4 22.64 25.91 1.37
CA LEU H 4 21.51 25.03 1.25
C LEU H 4 22.10 24.00 0.25
N PRO H 5 22.51 22.85 0.74
CA PRO H 5 23.14 21.90 -0.18
C PRO H 5 22.15 21.31 -1.17
N ALA H 6 22.64 20.97 -2.34
CA ALA H 6 21.84 20.23 -3.29
C ALA H 6 21.17 19.02 -2.62
N GLY H 7 19.94 18.78 -3.01
CA GLY H 7 19.11 17.76 -2.41
C GLY H 7 18.16 18.35 -1.36
N TRP H 8 18.44 19.57 -0.94
CA TRP H 8 17.51 20.31 -0.09
C TRP H 8 16.88 21.48 -0.81
N MET H 9 15.66 21.79 -0.44
CA MET H 9 14.96 22.93 -0.94
C MET H 9 14.40 23.72 0.26
N ARG H 10 14.55 25.05 0.18
CA ARG H 10 13.90 25.98 1.11
C ARG H 10 12.58 26.39 0.54
N VAL H 11 11.51 26.08 1.28
CA VAL H 11 10.18 26.49 0.87
C VAL H 11 9.48 27.57 1.80
N GLN H 12 9.15 28.71 1.19
CA GLN H 12 8.79 29.90 1.94
C GLN H 12 7.52 30.61 1.47
N ASP H 13 6.78 31.14 2.45
CA ASP H 13 5.83 32.26 2.22
C ASP H 13 5.93 33.28 3.33
N THR H 14 5.00 34.25 3.35
CA THR H 14 5.00 35.27 4.41
C THR H 14 4.69 34.60 5.75
N SER H 15 4.05 33.43 5.75
CA SER H 15 3.79 32.72 6.99
C SER H 15 5.03 32.02 7.59
N GLY H 16 6.15 31.96 6.87
CA GLY H 16 7.32 31.18 7.32
C GLY H 16 7.97 30.21 6.28
N THR H 17 8.86 29.39 6.80
CA THR H 17 9.84 28.65 6.01
C THR H 17 10.01 27.22 6.58
N TYR H 18 10.15 26.25 5.70
CA TYR H 18 10.60 24.94 6.07
C TYR H 18 11.54 24.40 5.00
N TYR H 19 12.23 23.32 5.37
CA TYR H 19 13.24 22.67 4.56
C TYR H 19 12.74 21.29 4.15
N TRP H 20 12.95 21.00 2.86
CA TRP H 20 12.54 19.76 2.23
C TRP H 20 13.80 19.00 1.69
N HIS H 21 14.00 17.78 2.21
CA HIS H 21 15.05 16.89 1.78
C HIS H 21 14.44 15.97 0.67
N ILE H 22 14.87 16.23 -0.55
CA ILE H 22 14.29 15.53 -1.68
C ILE H 22 14.40 14.00 -1.62
N PRO H 23 15.57 13.43 -1.34
CA PRO H 23 15.64 11.94 -1.32
C PRO H 23 14.70 11.20 -0.37
N THR H 24 14.50 11.72 0.83
CA THR H 24 13.61 11.06 1.77
C THR H 24 12.18 11.59 1.74
N GLY H 25 11.97 12.77 1.18
CA GLY H 25 10.65 13.40 1.30
C GLY H 25 10.36 13.98 2.68
N THR H 26 11.39 14.16 3.51
CA THR H 26 11.13 14.68 4.87
C THR H 26 11.16 16.23 4.88
N THR H 27 10.34 16.76 5.78
CA THR H 27 10.26 18.20 5.97
C THR H 27 10.57 18.51 7.41
N GLN H 28 11.27 19.62 7.63
CA GLN H 28 11.63 20.12 8.95
C GLN H 28 11.65 21.67 8.93
N TRP H 29 11.53 22.29 10.08
CA TRP H 29 11.70 23.71 10.28
C TRP H 29 13.14 24.15 10.34
N GLU H 30 14.01 23.32 10.91
CA GLU H 30 15.40 23.70 11.04
C GLU H 30 16.12 23.61 9.68
N PRO H 31 17.06 24.57 9.40
CA PRO H 31 17.92 24.54 8.25
C PRO H 31 18.82 23.31 8.35
N PRO H 32 19.14 22.67 7.19
CA PRO H 32 19.98 21.46 7.20
C PRO H 32 21.34 21.74 7.82
N GLY H 33 21.99 22.86 7.53
CA GLY H 33 23.38 22.99 8.04
C GLY H 33 24.49 22.57 7.04
#